data_5Y80
#
_entry.id   5Y80
#
_cell.length_a   70.331
_cell.length_b   73.870
_cell.length_c   95.311
_cell.angle_alpha   90.00
_cell.angle_beta   90.00
_cell.angle_gamma   90.00
#
_symmetry.space_group_name_H-M   'P 21 21 21'
#
loop_
_entity.id
_entity.type
_entity.pdbx_description
1 polymer 'Cyclin-G-associated kinase'
2 polymer NANOBODY
3 non-polymer Gefitinib
4 water water
#
loop_
_entity_poly.entity_id
_entity_poly.type
_entity_poly.pdbx_seq_one_letter_code
_entity_poly.pdbx_strand_id
1 'polypeptide(L)'
;GSQSDFVGQTVELGELRLRVRRVLAEGGFAFVYEAQDVGSGREYALKRLLSNEEEKNRAIIQEVCFMKKLSGHPNIVQFC
SAASIGKEESDTGQAEFLLLTELCKGQLVEFLKKMESRGPLSCDTVLKIFYQTCRAVQHMHRQKPPIIHRDLKVENLLLS
NQGTIKLCDFGSATTISHYPDYSWSAQRRALVEEEITRNTTPMYRTPEIIDLYSNFPIGEKQDIWALGCILYLLCFRQHP
FEDGAKLRIVNGKYSIPPHDTQYTVFHSLIRAMLQVNPEERLSIAEVVHQLQEIAAARNVNPKSPITELLEQN
;
A
2 'polypeptide(L)'
;GSSGSSGQVQLQESGGGLVQPGGSLRLSCSASGFKFNDSYMSWVRRVPGKGLEWVAGIWEDSSAAHYRDSVKGRFTISRD
NAKNMLYLQMSSLKSDDTGLYYCVRRGYSGDYRPINNPSSQGTQVTVSSAAAYPYDVPDYGSHHHHHH
;
B
#
loop_
_chem_comp.id
_chem_comp.type
_chem_comp.name
_chem_comp.formula
IRE non-polymer Gefitinib 'C22 H24 Cl F N4 O3'
#
# COMPACT_ATOMS: atom_id res chain seq x y z
N SER A 2 8.88 -15.00 -20.53
CA SER A 2 9.16 -15.02 -19.09
C SER A 2 8.58 -13.79 -18.41
N GLN A 3 8.08 -13.98 -17.19
CA GLN A 3 7.48 -12.90 -16.41
C GLN A 3 8.55 -11.94 -15.88
N SER A 4 9.80 -12.38 -15.90
CA SER A 4 10.91 -11.55 -15.43
C SER A 4 11.53 -10.78 -16.59
N ASP A 5 11.37 -11.32 -17.80
CA ASP A 5 11.89 -10.67 -19.00
C ASP A 5 10.89 -9.64 -19.55
N PHE A 6 9.84 -9.38 -18.76
CA PHE A 6 8.84 -8.39 -19.13
C PHE A 6 9.30 -7.01 -18.69
N VAL A 7 10.34 -6.97 -17.86
CA VAL A 7 10.94 -5.73 -17.41
C VAL A 7 11.64 -5.06 -18.59
N GLY A 8 11.40 -3.76 -18.75
CA GLY A 8 12.00 -3.01 -19.85
C GLY A 8 10.99 -2.76 -20.95
N GLN A 9 9.85 -3.45 -20.89
CA GLN A 9 8.79 -3.29 -21.86
C GLN A 9 7.96 -2.05 -21.58
N THR A 10 7.33 -1.50 -22.61
CA THR A 10 6.43 -0.35 -22.44
C THR A 10 4.99 -0.76 -22.71
N VAL A 11 4.17 -0.69 -21.68
CA VAL A 11 2.78 -1.12 -21.77
C VAL A 11 1.82 0.06 -21.91
N GLU A 12 0.98 0.01 -22.93
CA GLU A 12 -0.01 1.06 -23.15
C GLU A 12 -1.32 0.70 -22.50
N LEU A 13 -1.79 1.58 -21.62
CA LEU A 13 -3.02 1.34 -20.87
C LEU A 13 -3.90 2.58 -20.94
N GLY A 14 -4.73 2.67 -21.98
CA GLY A 14 -5.54 3.85 -22.20
C GLY A 14 -4.67 4.99 -22.71
N GLU A 15 -4.69 6.10 -22.00
CA GLU A 15 -3.86 7.25 -22.36
C GLU A 15 -2.43 7.06 -21.84
N LEU A 16 -2.25 6.09 -20.96
CA LEU A 16 -0.97 5.89 -20.31
C LEU A 16 -0.01 5.01 -21.12
N ARG A 17 1.26 5.40 -21.11
CA ARG A 17 2.32 4.59 -21.68
C ARG A 17 3.32 4.23 -20.59
N LEU A 18 3.18 3.03 -20.04
CA LEU A 18 3.90 2.65 -18.83
C LEU A 18 5.16 1.85 -19.13
N ARG A 19 6.28 2.30 -18.58
CA ARG A 19 7.53 1.56 -18.67
C ARG A 19 7.67 0.64 -17.47
N VAL A 20 7.83 -0.66 -17.73
CA VAL A 20 8.00 -1.63 -16.65
C VAL A 20 9.43 -1.56 -16.13
N ARG A 21 9.58 -1.21 -14.86
CA ARG A 21 10.91 -0.99 -14.31
C ARG A 21 11.41 -2.13 -13.42
N ARG A 22 10.54 -2.63 -12.55
CA ARG A 22 10.95 -3.63 -11.56
C ARG A 22 9.88 -4.68 -11.33
N VAL A 23 10.27 -5.76 -10.67
CA VAL A 23 9.32 -6.77 -10.21
C VAL A 23 9.07 -6.60 -8.72
N LEU A 24 7.85 -6.24 -8.36
CA LEU A 24 7.52 -5.99 -6.96
C LEU A 24 7.15 -7.28 -6.24
N ALA A 25 6.38 -8.14 -6.90
CA ALA A 25 5.93 -9.38 -6.29
C ALA A 25 5.77 -10.49 -7.32
N GLU A 26 6.02 -11.72 -6.88
CA GLU A 26 5.81 -12.90 -7.71
C GLU A 26 4.75 -13.79 -7.09
N GLY A 27 3.57 -13.83 -7.71
CA GLY A 27 2.46 -14.60 -7.18
C GLY A 27 2.28 -15.92 -7.89
N GLY A 28 3.14 -16.19 -8.88
CA GLY A 28 3.06 -17.41 -9.66
C GLY A 28 2.05 -17.30 -10.78
N PHE A 29 0.87 -16.77 -10.46
CA PHE A 29 -0.19 -16.61 -11.45
C PHE A 29 -0.14 -15.21 -12.07
N ALA A 30 0.20 -14.22 -11.26
CA ALA A 30 0.27 -12.84 -11.73
C ALA A 30 1.35 -12.06 -11.00
N PHE A 31 2.38 -11.67 -11.74
CA PHE A 31 3.43 -10.84 -11.20
C PHE A 31 2.93 -9.42 -10.96
N VAL A 32 3.58 -8.72 -10.03
CA VAL A 32 3.28 -7.31 -9.81
C VAL A 32 4.52 -6.49 -10.11
N TYR A 33 4.39 -5.52 -11.01
CA TYR A 33 5.53 -4.73 -11.46
C TYR A 33 5.42 -3.28 -11.03
N GLU A 34 6.56 -2.63 -10.89
CA GLU A 34 6.61 -1.19 -10.74
C GLU A 34 6.64 -0.56 -12.13
N ALA A 35 5.69 0.32 -12.40
CA ALA A 35 5.61 0.94 -13.73
C ALA A 35 5.63 2.47 -13.63
N GLN A 36 6.19 3.10 -14.66
CA GLN A 36 6.25 4.56 -14.70
C GLN A 36 5.80 5.09 -16.06
N ASP A 37 4.85 6.01 -16.03
CA ASP A 37 4.33 6.63 -17.25
C ASP A 37 5.37 7.58 -17.85
N VAL A 38 5.60 7.44 -19.15
CA VAL A 38 6.59 8.26 -19.84
C VAL A 38 6.07 9.65 -20.15
N GLY A 39 4.75 9.82 -20.02
CA GLY A 39 4.12 11.10 -20.33
C GLY A 39 3.93 12.02 -19.14
N SER A 40 4.08 11.47 -17.92
CA SER A 40 3.85 12.27 -16.71
C SER A 40 4.92 12.06 -15.65
N GLY A 41 5.54 10.89 -15.67
CA GLY A 41 6.55 10.55 -14.67
C GLY A 41 5.95 9.87 -13.44
N ARG A 42 4.62 9.87 -13.33
CA ARG A 42 3.96 9.22 -12.22
C ARG A 42 4.22 7.72 -12.22
N GLU A 43 4.53 7.18 -11.05
CA GLU A 43 4.80 5.75 -10.92
C GLU A 43 3.60 5.01 -10.35
N TYR A 44 3.48 3.74 -10.75
CA TYR A 44 2.36 2.91 -10.30
C TYR A 44 2.81 1.51 -9.93
N ALA A 45 1.89 0.73 -9.39
CA ALA A 45 2.07 -0.71 -9.29
C ALA A 45 1.19 -1.38 -10.32
N LEU A 46 1.75 -2.30 -11.10
CA LEU A 46 1.00 -2.95 -12.16
C LEU A 46 0.94 -4.46 -11.97
N LYS A 47 -0.29 -4.98 -11.86
CA LYS A 47 -0.50 -6.42 -11.79
C LYS A 47 -0.89 -6.95 -13.16
N ARG A 48 -0.18 -7.98 -13.62
CA ARG A 48 -0.41 -8.53 -14.95
C ARG A 48 -0.77 -10.01 -14.89
N LEU A 49 -1.98 -10.34 -15.33
CA LEU A 49 -2.43 -11.73 -15.35
C LEU A 49 -2.49 -12.26 -16.78
N LEU A 50 -1.77 -13.36 -17.02
CA LEU A 50 -1.85 -14.07 -18.28
C LEU A 50 -2.43 -15.46 -18.04
N SER A 51 -3.73 -15.60 -18.27
CA SER A 51 -4.39 -16.88 -18.02
C SER A 51 -5.70 -17.03 -18.78
N ASN A 52 -6.09 -18.29 -18.95
CA ASN A 52 -7.16 -18.67 -19.85
C ASN A 52 -8.31 -19.23 -19.02
N GLU A 53 -7.88 -19.80 -17.90
CA GLU A 53 -8.76 -20.30 -16.86
C GLU A 53 -9.74 -19.22 -16.47
N GLU A 54 -11.01 -19.50 -16.68
CA GLU A 54 -12.02 -18.46 -16.53
C GLU A 54 -12.37 -18.21 -15.07
N GLU A 55 -11.89 -19.09 -14.19
CA GLU A 55 -12.09 -18.86 -12.76
C GLU A 55 -11.21 -17.71 -12.28
N LYS A 56 -9.97 -17.69 -12.74
CA LYS A 56 -9.04 -16.62 -12.40
C LYS A 56 -9.44 -15.33 -13.11
N ASN A 57 -9.98 -15.47 -14.31
CA ASN A 57 -10.42 -14.32 -15.10
C ASN A 57 -11.56 -13.57 -14.44
N ARG A 58 -12.59 -14.29 -14.01
CA ARG A 58 -13.72 -13.65 -13.36
C ARG A 58 -13.36 -13.21 -11.94
N ALA A 59 -12.33 -13.81 -11.38
CA ALA A 59 -11.82 -13.40 -10.08
C ALA A 59 -11.20 -12.00 -10.15
N ILE A 60 -10.34 -11.78 -11.15
CA ILE A 60 -9.68 -10.49 -11.28
C ILE A 60 -10.66 -9.44 -11.81
N ILE A 61 -11.74 -9.89 -12.44
CA ILE A 61 -12.78 -8.98 -12.89
C ILE A 61 -13.56 -8.46 -11.68
N GLN A 62 -13.85 -9.36 -10.76
CA GLN A 62 -14.54 -8.98 -9.53
C GLN A 62 -13.59 -8.19 -8.64
N GLU A 63 -12.31 -8.52 -8.70
CA GLU A 63 -11.28 -7.80 -7.97
C GLU A 63 -11.26 -6.33 -8.37
N VAL A 64 -11.45 -6.06 -9.66
CA VAL A 64 -11.44 -4.68 -10.15
C VAL A 64 -12.66 -3.91 -9.67
N CYS A 65 -13.83 -4.53 -9.76
CA CYS A 65 -15.07 -3.88 -9.35
C CYS A 65 -15.03 -3.51 -7.87
N PHE A 66 -14.41 -4.37 -7.07
CA PHE A 66 -14.30 -4.13 -5.64
C PHE A 66 -13.47 -2.88 -5.35
N MET A 67 -12.36 -2.72 -6.07
CA MET A 67 -11.46 -1.60 -5.83
C MET A 67 -12.08 -0.27 -6.23
N LYS A 68 -12.92 -0.30 -7.27
CA LYS A 68 -13.60 0.92 -7.71
C LYS A 68 -14.60 1.38 -6.65
N LYS A 69 -15.23 0.42 -5.99
CA LYS A 69 -16.17 0.71 -4.91
C LYS A 69 -15.45 1.27 -3.69
N LEU A 70 -14.22 0.82 -3.47
CA LEU A 70 -13.47 1.20 -2.28
C LEU A 70 -12.51 2.35 -2.55
N SER A 71 -12.61 2.91 -3.75
CA SER A 71 -11.74 4.02 -4.14
C SER A 71 -11.95 5.27 -3.31
N GLY A 72 -10.89 6.04 -3.12
CA GLY A 72 -10.98 7.32 -2.43
C GLY A 72 -10.81 7.27 -0.92
N HIS A 73 -10.61 6.07 -0.38
CA HIS A 73 -10.43 5.93 1.07
C HIS A 73 -8.96 5.97 1.44
N PRO A 74 -8.63 6.77 2.48
CA PRO A 74 -7.24 7.01 2.89
C PRO A 74 -6.50 5.77 3.40
N ASN A 75 -7.22 4.70 3.71
CA ASN A 75 -6.58 3.48 4.21
C ASN A 75 -6.69 2.31 3.24
N ILE A 76 -7.23 2.57 2.06
CA ILE A 76 -7.32 1.56 1.01
C ILE A 76 -6.53 2.03 -0.22
N VAL A 77 -5.68 1.15 -0.76
CA VAL A 77 -4.85 1.47 -1.90
C VAL A 77 -5.71 1.98 -3.06
N GLN A 78 -5.26 3.06 -3.70
CA GLN A 78 -6.07 3.75 -4.70
C GLN A 78 -6.04 3.05 -6.06
N PHE A 79 -7.21 2.71 -6.56
CA PHE A 79 -7.33 2.13 -7.89
C PHE A 79 -7.07 3.19 -8.95
N CYS A 80 -6.35 2.83 -10.00
CA CYS A 80 -6.07 3.77 -11.07
C CYS A 80 -6.81 3.38 -12.34
N SER A 81 -6.41 2.27 -12.94
CA SER A 81 -7.08 1.80 -14.16
C SER A 81 -6.93 0.30 -14.36
N ALA A 82 -7.72 -0.24 -15.29
CA ALA A 82 -7.67 -1.65 -15.60
C ALA A 82 -8.06 -1.90 -17.05
N ALA A 83 -7.54 -2.99 -17.61
CA ALA A 83 -7.84 -3.35 -18.99
C ALA A 83 -7.59 -4.83 -19.23
N SER A 84 -8.35 -5.41 -20.15
CA SER A 84 -8.20 -6.81 -20.50
C SER A 84 -8.07 -7.00 -21.99
N ILE A 85 -7.27 -7.96 -22.41
CA ILE A 85 -7.14 -8.23 -23.82
C ILE A 85 -7.61 -9.60 -24.15
N GLY A 86 -8.50 -9.67 -25.12
CA GLY A 86 -9.09 -10.90 -25.61
C GLY A 86 -7.98 -11.89 -25.93
N LYS A 87 -8.25 -13.17 -25.69
CA LYS A 87 -7.33 -14.27 -26.03
C LYS A 87 -7.01 -14.28 -27.52
N GLU A 88 -8.00 -13.89 -28.31
CA GLU A 88 -7.87 -13.87 -29.75
C GLU A 88 -6.85 -12.83 -30.19
N GLU A 89 -6.82 -11.72 -29.47
CA GLU A 89 -6.07 -10.55 -29.91
C GLU A 89 -4.75 -10.39 -29.17
N SER A 90 -4.53 -11.21 -28.15
CA SER A 90 -3.31 -11.13 -27.35
C SER A 90 -2.08 -11.53 -28.16
N ASP A 91 -0.91 -11.12 -27.69
CA ASP A 91 0.34 -11.34 -28.41
C ASP A 91 0.86 -12.77 -28.25
N THR A 92 0.60 -13.36 -27.09
CA THR A 92 1.07 -14.70 -26.79
C THR A 92 -0.05 -15.72 -26.92
N GLY A 93 -1.24 -15.25 -27.28
CA GLY A 93 -2.40 -16.12 -27.26
C GLY A 93 -2.65 -16.60 -25.85
N GLN A 94 -2.52 -15.68 -24.90
CA GLN A 94 -2.95 -15.89 -23.52
C GLN A 94 -3.73 -14.66 -23.11
N ALA A 95 -4.94 -14.86 -22.58
CA ALA A 95 -5.78 -13.73 -22.19
C ALA A 95 -5.05 -12.86 -21.16
N GLU A 96 -4.90 -11.58 -21.51
CA GLU A 96 -4.12 -10.65 -20.71
C GLU A 96 -4.99 -9.68 -19.91
N PHE A 97 -4.76 -9.61 -18.60
CA PHE A 97 -5.46 -8.65 -17.77
CA PHE A 97 -5.46 -8.67 -17.74
C PHE A 97 -4.47 -7.73 -17.06
N LEU A 98 -4.71 -6.43 -17.18
CA LEU A 98 -3.83 -5.44 -16.55
C LEU A 98 -4.54 -4.69 -15.42
N LEU A 99 -3.91 -4.68 -14.24
CA LEU A 99 -4.49 -4.03 -13.08
C LEU A 99 -3.50 -3.01 -12.50
N LEU A 100 -3.91 -1.75 -12.48
CA LEU A 100 -3.00 -0.66 -12.13
C LEU A 100 -3.51 0.12 -10.92
N THR A 101 -2.68 0.19 -9.87
CA THR A 101 -3.02 0.95 -8.67
C THR A 101 -1.87 1.87 -8.30
N GLU A 102 -2.08 2.71 -7.27
CA GLU A 102 -1.03 3.60 -6.79
C GLU A 102 0.12 2.80 -6.19
N LEU A 103 1.31 3.40 -6.21
CA LEU A 103 2.50 2.75 -5.70
C LEU A 103 2.77 3.17 -4.25
N CYS A 104 3.00 2.19 -3.39
CA CYS A 104 3.29 2.46 -1.99
C CYS A 104 4.78 2.28 -1.70
N LYS A 105 5.21 2.62 -0.48
CA LYS A 105 6.60 2.46 -0.09
C LYS A 105 6.99 0.99 0.01
N GLY A 106 6.10 0.18 0.56
CA GLY A 106 6.36 -1.24 0.72
C GLY A 106 5.47 -1.88 1.77
N GLN A 107 5.69 -3.18 1.99
CA GLN A 107 4.92 -3.94 2.96
C GLN A 107 5.20 -3.48 4.39
N LEU A 108 4.19 -3.56 5.25
CA LEU A 108 4.35 -3.21 6.66
C LEU A 108 5.35 -4.14 7.33
N VAL A 109 5.28 -5.43 7.01
CA VAL A 109 6.20 -6.43 7.53
C VAL A 109 7.65 -6.02 7.31
N GLU A 110 7.92 -5.51 6.11
CA GLU A 110 9.24 -5.03 5.73
C GLU A 110 9.73 -3.93 6.68
N PHE A 111 8.88 -2.94 6.94
CA PHE A 111 9.25 -1.81 7.77
C PHE A 111 9.11 -2.12 9.25
N LEU A 112 8.68 -3.33 9.58
CA LEU A 112 8.54 -3.74 10.97
C LEU A 112 9.83 -4.30 11.53
N LYS A 113 10.43 -5.27 10.83
CA LYS A 113 11.62 -5.93 11.34
C LYS A 113 12.86 -5.04 11.18
N LYS A 114 12.77 -4.04 10.32
CA LYS A 114 13.87 -3.08 10.16
C LYS A 114 13.99 -2.24 11.43
N MET A 115 12.88 -2.09 12.14
CA MET A 115 12.85 -1.36 13.40
C MET A 115 12.53 -2.28 14.56
N GLY A 119 14.16 -1.93 19.76
CA GLY A 119 13.32 -2.66 20.68
C GLY A 119 11.99 -3.03 20.06
N PRO A 120 10.94 -3.14 20.90
CA PRO A 120 9.59 -3.46 20.43
C PRO A 120 8.76 -2.22 20.10
N LEU A 121 7.55 -2.41 19.58
CA LEU A 121 6.70 -1.31 19.18
C LEU A 121 5.99 -0.66 20.36
N SER A 122 5.94 0.67 20.37
CA SER A 122 5.24 1.40 21.41
C SER A 122 3.73 1.30 21.20
N CYS A 123 2.97 1.54 22.27
CA CYS A 123 1.52 1.42 22.22
C CYS A 123 0.89 2.39 21.24
N ASP A 124 1.53 3.55 21.07
CA ASP A 124 1.06 4.55 20.12
C ASP A 124 1.26 4.08 18.69
N THR A 125 2.34 3.34 18.46
CA THR A 125 2.64 2.80 17.13
C THR A 125 1.62 1.71 16.78
N VAL A 126 1.43 0.76 17.69
CA VAL A 126 0.46 -0.30 17.50
C VAL A 126 -0.95 0.24 17.34
N LEU A 127 -1.24 1.33 18.05
CA LEU A 127 -2.55 1.97 17.99
C LEU A 127 -2.84 2.54 16.61
N LYS A 128 -1.87 3.23 16.02
CA LYS A 128 -2.05 3.83 14.71
C LYS A 128 -2.16 2.76 13.63
N ILE A 129 -1.28 1.78 13.72
CA ILE A 129 -1.24 0.67 12.77
C ILE A 129 -2.58 -0.07 12.72
N PHE A 130 -3.08 -0.43 13.89
CA PHE A 130 -4.30 -1.23 13.99
C PHE A 130 -5.56 -0.41 13.67
N TYR A 131 -5.57 0.86 14.07
CA TYR A 131 -6.71 1.73 13.84
C TYR A 131 -6.93 1.99 12.36
N GLN A 132 -5.84 2.29 11.65
CA GLN A 132 -5.93 2.58 10.22
C GLN A 132 -6.31 1.32 9.44
N THR A 133 -5.93 0.17 9.97
CA THR A 133 -6.33 -1.10 9.36
C THR A 133 -7.84 -1.31 9.53
N CYS A 134 -8.33 -1.08 10.75
CA CYS A 134 -9.74 -1.28 11.06
C CYS A 134 -10.67 -0.29 10.36
N ARG A 135 -10.15 0.89 10.04
CA ARG A 135 -10.90 1.88 9.27
C ARG A 135 -11.15 1.37 7.85
N ALA A 136 -10.13 0.72 7.29
CA ALA A 136 -10.25 0.14 5.95
C ALA A 136 -11.32 -0.94 5.92
N VAL A 137 -11.26 -1.83 6.90
CA VAL A 137 -12.24 -2.92 7.00
C VAL A 137 -13.64 -2.35 7.22
N GLN A 138 -13.74 -1.35 8.09
CA GLN A 138 -15.01 -0.70 8.37
C GLN A 138 -15.64 -0.14 7.10
N HIS A 139 -14.81 0.43 6.23
CA HIS A 139 -15.28 0.99 4.98
C HIS A 139 -15.76 -0.10 4.03
N MET A 140 -15.17 -1.28 4.13
CA MET A 140 -15.58 -2.43 3.31
C MET A 140 -16.93 -2.99 3.78
N HIS A 141 -17.13 -3.03 5.10
CA HIS A 141 -18.37 -3.54 5.65
C HIS A 141 -19.52 -2.54 5.52
N ARG A 142 -19.19 -1.29 5.20
CA ARG A 142 -20.21 -0.25 5.09
C ARG A 142 -20.88 -0.24 3.72
N GLN A 143 -20.24 -0.89 2.74
CA GLN A 143 -20.77 -0.90 1.37
C GLN A 143 -22.09 -1.65 1.26
N LYS A 144 -22.82 -1.40 0.18
CA LYS A 144 -24.06 -2.11 -0.12
C LYS A 144 -23.96 -2.80 -1.48
N PRO A 145 -23.85 -4.13 -1.48
CA PRO A 145 -23.74 -4.99 -0.30
C PRO A 145 -22.36 -4.95 0.32
N PRO A 146 -22.24 -5.32 1.61
CA PRO A 146 -20.95 -5.32 2.31
C PRO A 146 -19.88 -6.16 1.61
N ILE A 147 -18.62 -5.75 1.76
CA ILE A 147 -17.50 -6.46 1.19
C ILE A 147 -16.65 -7.10 2.28
N ILE A 148 -16.51 -8.43 2.21
CA ILE A 148 -15.72 -9.18 3.17
C ILE A 148 -14.37 -9.56 2.58
N HIS A 149 -13.28 -9.13 3.23
CA HIS A 149 -11.95 -9.32 2.69
C HIS A 149 -11.49 -10.79 2.68
N ARG A 150 -11.69 -11.46 3.83
CA ARG A 150 -11.40 -12.89 3.99
C ARG A 150 -9.91 -13.26 3.97
N ASP A 151 -9.05 -12.31 3.59
CA ASP A 151 -7.62 -12.60 3.54
C ASP A 151 -6.82 -11.53 4.29
N LEU A 152 -7.29 -11.18 5.49
CA LEU A 152 -6.65 -10.13 6.29
C LEU A 152 -5.44 -10.63 7.07
N LYS A 153 -4.26 -10.19 6.64
CA LYS A 153 -3.01 -10.54 7.29
C LYS A 153 -2.05 -9.35 7.23
N VAL A 154 -0.94 -9.43 7.95
CA VAL A 154 0.02 -8.33 7.99
C VAL A 154 0.76 -8.22 6.66
N GLU A 155 0.76 -9.30 5.89
CA GLU A 155 1.39 -9.31 4.58
C GLU A 155 0.63 -8.45 3.56
N ASN A 156 -0.67 -8.26 3.81
CA ASN A 156 -1.50 -7.47 2.91
C ASN A 156 -1.69 -6.03 3.38
N LEU A 157 -0.87 -5.61 4.33
CA LEU A 157 -0.88 -4.24 4.81
C LEU A 157 0.32 -3.48 4.28
N LEU A 158 0.06 -2.43 3.51
CA LEU A 158 1.13 -1.64 2.91
C LEU A 158 1.38 -0.34 3.67
N LEU A 159 2.56 0.23 3.47
CA LEU A 159 2.89 1.53 4.03
C LEU A 159 2.98 2.56 2.89
N SER A 160 2.12 3.56 2.93
CA SER A 160 2.03 4.54 1.85
C SER A 160 3.24 5.45 1.82
N ASN A 161 3.37 6.22 0.75
CA ASN A 161 4.44 7.21 0.64
C ASN A 161 4.26 8.34 1.65
N GLN A 162 3.03 8.49 2.15
CA GLN A 162 2.75 9.49 3.17
C GLN A 162 3.07 8.98 4.57
N GLY A 163 3.26 7.67 4.69
CA GLY A 163 3.60 7.05 5.96
C GLY A 163 2.40 6.43 6.67
N THR A 164 1.27 6.35 5.96
CA THR A 164 0.07 5.77 6.51
C THR A 164 -0.17 4.37 5.94
N ILE A 165 -1.08 3.62 6.54
CA ILE A 165 -1.28 2.24 6.15
C ILE A 165 -2.37 2.09 5.08
N LYS A 166 -2.07 1.27 4.07
CA LYS A 166 -2.98 1.02 2.96
C LYS A 166 -3.23 -0.48 2.79
N LEU A 167 -4.49 -0.89 2.81
CA LEU A 167 -4.88 -2.28 2.59
C LEU A 167 -4.95 -2.56 1.09
N CYS A 168 -4.40 -3.70 0.64
CA CYS A 168 -4.11 -3.86 -0.78
C CYS A 168 -4.79 -5.00 -1.56
N ASP A 169 -4.68 -6.25 -1.11
CA ASP A 169 -5.06 -7.39 -1.95
C ASP A 169 -6.53 -7.80 -1.80
N PHE A 170 -7.34 -7.55 -2.82
CA PHE A 170 -8.77 -7.82 -2.72
C PHE A 170 -9.25 -8.97 -3.59
N GLY A 171 -8.33 -9.82 -4.01
CA GLY A 171 -8.66 -10.96 -4.86
C GLY A 171 -9.51 -12.02 -4.20
N SER A 172 -9.43 -12.12 -2.87
CA SER A 172 -10.13 -13.17 -2.13
C SER A 172 -11.46 -12.69 -1.55
N ALA A 173 -11.81 -11.43 -1.82
CA ALA A 173 -13.00 -10.83 -1.21
C ALA A 173 -14.30 -11.40 -1.78
N THR A 174 -15.40 -11.15 -1.08
CA THR A 174 -16.72 -11.60 -1.50
C THR A 174 -17.84 -10.74 -0.91
N THR A 175 -19.03 -10.86 -1.47
CA THR A 175 -20.19 -10.14 -0.96
C THR A 175 -21.31 -11.11 -0.58
N ILE A 176 -20.97 -12.39 -0.57
CA ILE A 176 -21.94 -13.42 -0.21
C ILE A 176 -21.69 -13.95 1.20
N SER A 177 -22.73 -13.97 2.02
CA SER A 177 -22.64 -14.59 3.34
C SER A 177 -23.23 -15.98 3.32
N HIS A 178 -22.66 -16.89 4.10
CA HIS A 178 -23.10 -18.27 4.11
C HIS A 178 -23.57 -18.68 5.51
N TYR A 179 -24.80 -19.17 5.58
CA TYR A 179 -25.38 -19.56 6.86
C TYR A 179 -25.73 -21.04 6.87
N PRO A 180 -24.82 -21.89 7.37
CA PRO A 180 -25.04 -23.33 7.49
C PRO A 180 -26.39 -23.63 8.13
N ASP A 181 -27.25 -24.31 7.38
CA ASP A 181 -28.64 -24.47 7.74
C ASP A 181 -28.99 -25.92 8.09
N TYR A 182 -30.20 -26.11 8.62
CA TYR A 182 -30.76 -27.44 8.84
C TYR A 182 -30.93 -28.16 7.50
N SER A 183 -31.08 -27.37 6.45
CA SER A 183 -31.28 -27.89 5.11
C SER A 183 -29.96 -28.18 4.40
N TRP A 184 -28.85 -27.95 5.10
CA TRP A 184 -27.53 -28.31 4.57
C TRP A 184 -27.26 -29.79 4.76
N SER A 185 -27.21 -30.53 3.65
CA SER A 185 -26.96 -31.97 3.71
C SER A 185 -25.54 -32.25 4.18
N ALA A 186 -25.31 -33.49 4.61
CA ALA A 186 -24.02 -33.89 5.17
C ALA A 186 -22.89 -33.77 4.16
N GLN A 187 -23.21 -33.96 2.89
CA GLN A 187 -22.18 -33.89 1.85
C GLN A 187 -21.95 -32.47 1.39
N ARG A 188 -22.97 -31.61 1.53
CA ARG A 188 -22.80 -30.20 1.22
C ARG A 188 -21.77 -29.58 2.16
N ARG A 189 -21.83 -29.98 3.43
CA ARG A 189 -20.85 -29.55 4.42
C ARG A 189 -19.47 -30.08 4.05
N ALA A 190 -19.44 -31.28 3.47
CA ALA A 190 -18.20 -31.92 3.07
C ALA A 190 -17.56 -31.20 1.88
N LEU A 191 -18.37 -30.90 0.86
CA LEU A 191 -17.88 -30.22 -0.33
C LEU A 191 -17.38 -28.81 -0.01
N VAL A 192 -18.09 -28.10 0.85
CA VAL A 192 -17.74 -26.73 1.19
C VAL A 192 -16.39 -26.66 1.93
N GLU A 193 -16.18 -27.58 2.87
CA GLU A 193 -14.92 -27.58 3.63
C GLU A 193 -13.73 -27.82 2.72
N GLU A 194 -13.89 -28.72 1.75
CA GLU A 194 -12.85 -28.96 0.76
C GLU A 194 -12.51 -27.68 0.02
N GLU A 195 -13.54 -26.97 -0.41
CA GLU A 195 -13.37 -25.74 -1.19
C GLU A 195 -12.68 -24.65 -0.39
N ILE A 196 -12.90 -24.63 0.92
CA ILE A 196 -12.29 -23.63 1.78
C ILE A 196 -10.83 -23.94 2.06
N THR A 197 -10.55 -25.20 2.41
CA THR A 197 -9.19 -25.61 2.76
C THR A 197 -8.23 -25.54 1.58
N ARG A 198 -8.77 -25.68 0.36
CA ARG A 198 -7.94 -25.59 -0.84
C ARG A 198 -7.67 -24.13 -1.22
N ASN A 199 -8.43 -23.21 -0.63
CA ASN A 199 -8.25 -21.79 -0.89
C ASN A 199 -7.77 -21.03 0.34
N THR A 200 -7.39 -21.77 1.39
CA THR A 200 -6.89 -21.17 2.62
C THR A 200 -5.64 -21.86 3.15
N THR A 201 -5.05 -21.24 4.17
CA THR A 201 -3.83 -21.72 4.81
C THR A 201 -4.13 -21.92 6.30
N PRO A 202 -3.71 -23.06 6.88
CA PRO A 202 -4.04 -23.49 8.25
C PRO A 202 -4.03 -22.40 9.33
N MET A 203 -2.96 -21.62 9.42
CA MET A 203 -2.81 -20.68 10.54
C MET A 203 -3.80 -19.51 10.46
N TYR A 204 -4.42 -19.32 9.31
CA TYR A 204 -5.34 -18.20 9.10
C TYR A 204 -6.81 -18.64 9.07
N ARG A 205 -7.06 -19.90 9.41
CA ARG A 205 -8.43 -20.43 9.39
C ARG A 205 -9.21 -20.07 10.64
N THR A 206 -10.50 -19.81 10.46
CA THR A 206 -11.38 -19.42 11.55
C THR A 206 -12.22 -20.60 12.03
N PRO A 207 -12.69 -20.56 13.29
CA PRO A 207 -13.51 -21.66 13.82
C PRO A 207 -14.73 -21.99 12.96
N GLU A 208 -15.30 -20.99 12.31
CA GLU A 208 -16.52 -21.20 11.55
C GLU A 208 -16.29 -21.91 10.21
N ILE A 209 -15.04 -21.93 9.75
CA ILE A 209 -14.73 -22.60 8.49
C ILE A 209 -13.99 -23.90 8.71
N ILE A 210 -13.76 -24.25 9.97
CA ILE A 210 -13.15 -25.53 10.30
C ILE A 210 -14.22 -26.55 10.64
N ASP A 211 -15.10 -26.20 11.58
CA ASP A 211 -16.22 -27.06 11.94
C ASP A 211 -17.49 -26.58 11.24
N LEU A 212 -17.91 -27.32 10.22
CA LEU A 212 -19.10 -26.95 9.45
C LEU A 212 -20.35 -27.66 9.95
N TYR A 213 -20.30 -28.17 11.18
CA TYR A 213 -21.46 -28.76 11.82
C TYR A 213 -21.89 -27.92 13.02
N SER A 214 -21.19 -26.81 13.22
CA SER A 214 -21.50 -25.90 14.32
C SER A 214 -22.63 -24.95 13.97
N ASN A 215 -22.93 -24.87 12.67
CA ASN A 215 -23.93 -23.95 12.13
C ASN A 215 -23.59 -22.48 12.43
N PHE A 216 -22.31 -22.21 12.67
CA PHE A 216 -21.85 -20.83 12.83
C PHE A 216 -21.99 -20.10 11.50
N PRO A 217 -22.43 -18.83 11.54
CA PRO A 217 -22.54 -18.05 10.32
C PRO A 217 -21.16 -17.77 9.74
N ILE A 218 -21.04 -17.81 8.41
CA ILE A 218 -19.77 -17.53 7.76
C ILE A 218 -19.88 -16.28 6.90
N GLY A 219 -19.54 -15.14 7.49
CA GLY A 219 -19.63 -13.86 6.80
C GLY A 219 -18.68 -12.81 7.32
N GLU A 220 -19.24 -11.65 7.67
CA GLU A 220 -18.45 -10.47 8.02
C GLU A 220 -17.55 -10.70 9.24
N LYS A 221 -18.01 -11.53 10.18
CA LYS A 221 -17.30 -11.71 11.43
C LYS A 221 -15.96 -12.41 11.26
N GLN A 222 -15.74 -12.98 10.08
CA GLN A 222 -14.45 -13.56 9.72
C GLN A 222 -13.31 -12.55 9.85
N ASP A 223 -13.55 -11.35 9.36
CA ASP A 223 -12.54 -10.31 9.34
C ASP A 223 -12.13 -9.91 10.76
N ILE A 224 -13.11 -9.84 11.66
CA ILE A 224 -12.84 -9.48 13.06
C ILE A 224 -11.89 -10.45 13.72
N TRP A 225 -12.05 -11.74 13.43
CA TRP A 225 -11.14 -12.76 13.95
C TRP A 225 -9.74 -12.51 13.42
N ALA A 226 -9.65 -12.20 12.13
CA ALA A 226 -8.37 -11.92 11.50
C ALA A 226 -7.72 -10.68 12.10
N LEU A 227 -8.53 -9.65 12.35
CA LEU A 227 -8.04 -8.43 12.99
C LEU A 227 -7.56 -8.72 14.41
N GLY A 228 -8.28 -9.60 15.09
CA GLY A 228 -7.90 -10.01 16.43
C GLY A 228 -6.51 -10.63 16.47
N CYS A 229 -6.22 -11.46 15.46
CA CYS A 229 -4.92 -12.11 15.36
C CYS A 229 -3.83 -11.12 14.99
N ILE A 230 -4.19 -10.10 14.23
CA ILE A 230 -3.24 -9.06 13.81
C ILE A 230 -2.77 -8.25 15.03
N LEU A 231 -3.72 -7.77 15.82
CA LEU A 231 -3.40 -7.02 17.03
C LEU A 231 -2.49 -7.80 17.97
N TYR A 232 -2.76 -9.11 18.07
CA TYR A 232 -1.91 -10.00 18.87
C TYR A 232 -0.49 -10.04 18.32
N LEU A 233 -0.38 -10.11 17.00
CA LEU A 233 0.92 -10.20 16.34
C LEU A 233 1.69 -8.90 16.45
N LEU A 234 0.97 -7.77 16.41
CA LEU A 234 1.60 -6.45 16.52
C LEU A 234 2.23 -6.24 17.89
N CYS A 235 1.68 -6.91 18.90
CA CYS A 235 2.14 -6.72 20.28
C CYS A 235 3.19 -7.74 20.68
N PHE A 236 2.90 -9.02 20.41
CA PHE A 236 3.71 -10.11 20.95
C PHE A 236 4.59 -10.78 19.89
N ARG A 237 4.69 -10.15 18.72
CA ARG A 237 5.60 -10.55 17.65
C ARG A 237 5.37 -11.97 17.11
N GLN A 238 4.21 -12.56 17.41
CA GLN A 238 3.90 -13.89 16.92
C GLN A 238 2.40 -14.06 16.69
N HIS A 239 2.03 -14.88 15.71
CA HIS A 239 0.63 -15.23 15.48
C HIS A 239 0.13 -16.10 16.62
N PRO A 240 -1.07 -15.81 17.13
CA PRO A 240 -1.65 -16.55 18.26
C PRO A 240 -1.99 -17.99 17.90
N PHE A 241 -2.01 -18.30 16.60
CA PHE A 241 -2.27 -19.65 16.13
C PHE A 241 -1.31 -20.00 15.00
N GLU A 242 -0.03 -19.65 15.18
CA GLU A 242 0.98 -19.82 14.15
C GLU A 242 1.19 -21.28 13.73
N ASP A 243 1.32 -22.16 14.72
CA ASP A 243 1.62 -23.57 14.46
C ASP A 243 0.52 -24.27 13.66
N GLY A 244 -0.68 -23.70 13.68
CA GLY A 244 -1.77 -24.22 12.87
C GLY A 244 -2.58 -25.34 13.51
N ALA A 245 -2.51 -25.44 14.83
CA ALA A 245 -3.28 -26.44 15.55
C ALA A 245 -4.77 -26.12 15.43
N LYS A 246 -5.47 -26.89 14.59
CA LYS A 246 -6.88 -26.66 14.35
C LYS A 246 -7.72 -26.97 15.60
N LEU A 247 -7.14 -27.74 16.52
CA LEU A 247 -7.79 -28.00 17.80
C LEU A 247 -7.84 -26.77 18.70
N ARG A 248 -6.85 -25.90 18.56
CA ARG A 248 -6.78 -24.71 19.39
C ARG A 248 -7.58 -23.55 18.80
N ILE A 249 -7.74 -23.55 17.48
CA ILE A 249 -8.51 -22.51 16.81
C ILE A 249 -10.00 -22.65 17.09
N VAL A 250 -10.53 -23.86 16.86
CA VAL A 250 -11.95 -24.13 17.07
C VAL A 250 -12.34 -23.97 18.54
N ASN A 251 -11.43 -24.28 19.45
CA ASN A 251 -11.71 -24.15 20.87
C ASN A 251 -11.24 -22.79 21.43
N GLY A 252 -10.66 -21.98 20.55
CA GLY A 252 -10.20 -20.66 20.92
C GLY A 252 -9.15 -20.68 22.02
N LYS A 253 -8.31 -21.71 22.00
CA LYS A 253 -7.31 -21.88 23.06
C LYS A 253 -5.97 -21.25 22.69
N TYR A 254 -5.81 -20.00 23.09
CA TYR A 254 -4.55 -19.27 22.94
C TYR A 254 -4.14 -18.69 24.28
N SER A 255 -2.94 -18.13 24.35
CA SER A 255 -2.42 -17.62 25.62
C SER A 255 -1.79 -16.25 25.48
N ILE A 256 -2.41 -15.27 26.14
CA ILE A 256 -1.81 -13.95 26.27
C ILE A 256 -0.64 -14.05 27.25
N PRO A 257 0.50 -13.45 26.89
CA PRO A 257 1.68 -13.39 27.78
C PRO A 257 1.30 -12.96 29.19
N PRO A 258 1.61 -13.82 30.18
CA PRO A 258 1.16 -13.69 31.58
C PRO A 258 1.44 -12.32 32.19
N HIS A 259 2.69 -11.89 32.16
CA HIS A 259 3.10 -10.70 32.89
C HIS A 259 3.43 -9.53 31.98
N ASP A 260 2.74 -9.46 30.85
CA ASP A 260 2.95 -8.35 29.92
C ASP A 260 2.28 -7.09 30.45
N THR A 261 3.08 -6.08 30.75
CA THR A 261 2.56 -4.83 31.30
C THR A 261 2.51 -3.72 30.25
N GLN A 262 3.25 -3.91 29.18
CA GLN A 262 3.32 -2.93 28.13
C GLN A 262 2.03 -2.77 27.35
N TYR A 263 1.52 -3.86 26.82
CA TYR A 263 0.31 -3.82 26.02
C TYR A 263 -0.91 -4.29 26.80
N THR A 264 -1.04 -3.84 28.04
CA THR A 264 -2.15 -4.23 28.90
C THR A 264 -3.47 -3.64 28.39
N VAL A 265 -3.39 -2.45 27.83
CA VAL A 265 -4.57 -1.73 27.34
C VAL A 265 -5.28 -2.48 26.20
N PHE A 266 -4.58 -3.40 25.55
CA PHE A 266 -5.13 -4.10 24.39
C PHE A 266 -5.71 -5.47 24.72
N HIS A 267 -5.56 -5.91 25.96
CA HIS A 267 -6.01 -7.24 26.38
C HIS A 267 -7.52 -7.43 26.21
N SER A 268 -8.29 -6.38 26.47
CA SER A 268 -9.74 -6.43 26.35
C SER A 268 -10.18 -6.67 24.90
N LEU A 269 -9.52 -5.98 23.97
CA LEU A 269 -9.87 -6.09 22.56
C LEU A 269 -9.47 -7.44 21.97
N ILE A 270 -8.29 -7.92 22.33
CA ILE A 270 -7.82 -9.22 21.86
C ILE A 270 -8.79 -10.33 22.26
N ARG A 271 -9.16 -10.35 23.53
CA ARG A 271 -10.06 -11.36 24.06
C ARG A 271 -11.45 -11.28 23.42
N ALA A 272 -11.86 -10.07 23.06
CA ALA A 272 -13.21 -9.84 22.55
C ALA A 272 -13.32 -10.09 21.05
N MET A 273 -12.19 -10.04 20.35
CA MET A 273 -12.19 -10.29 18.91
C MET A 273 -11.97 -11.78 18.62
N LEU A 274 -11.21 -12.43 19.50
CA LEU A 274 -10.97 -13.86 19.35
C LEU A 274 -12.03 -14.67 20.09
N GLN A 275 -13.29 -14.45 19.72
CA GLN A 275 -14.40 -15.25 20.25
C GLN A 275 -14.76 -16.36 19.27
N VAL A 276 -14.85 -17.59 19.76
CA VAL A 276 -15.15 -18.75 18.93
C VAL A 276 -16.45 -18.59 18.16
N ASN A 277 -17.49 -18.13 18.85
CA ASN A 277 -18.77 -17.86 18.21
C ASN A 277 -18.77 -16.47 17.58
N PRO A 278 -18.93 -16.41 16.24
CA PRO A 278 -18.98 -15.15 15.49
C PRO A 278 -20.02 -14.18 16.00
N GLU A 279 -21.12 -14.70 16.55
CA GLU A 279 -22.18 -13.86 17.09
C GLU A 279 -21.78 -13.20 18.41
N GLU A 280 -20.67 -13.65 18.98
CA GLU A 280 -20.17 -13.08 20.23
C GLU A 280 -19.02 -12.11 19.99
N ARG A 281 -18.48 -12.12 18.77
CA ARG A 281 -17.41 -11.20 18.40
C ARG A 281 -17.95 -9.79 18.25
N LEU A 282 -17.12 -8.80 18.56
CA LEU A 282 -17.48 -7.41 18.38
C LEU A 282 -17.68 -7.10 16.90
N SER A 283 -18.60 -6.20 16.58
CA SER A 283 -18.74 -5.71 15.22
C SER A 283 -17.60 -4.75 14.91
N ILE A 284 -17.41 -4.42 13.64
CA ILE A 284 -16.29 -3.54 13.25
C ILE A 284 -16.49 -2.14 13.81
N ALA A 285 -17.74 -1.72 13.98
CA ALA A 285 -18.03 -0.39 14.52
C ALA A 285 -17.67 -0.32 16.00
N GLU A 286 -17.92 -1.40 16.73
CA GLU A 286 -17.59 -1.46 18.15
C GLU A 286 -16.08 -1.46 18.36
N VAL A 287 -15.36 -2.07 17.43
CA VAL A 287 -13.90 -2.12 17.49
C VAL A 287 -13.30 -0.73 17.33
N VAL A 288 -13.80 0.01 16.34
CA VAL A 288 -13.31 1.37 16.07
C VAL A 288 -13.59 2.31 17.23
N HIS A 289 -14.79 2.20 17.81
CA HIS A 289 -15.19 3.03 18.94
C HIS A 289 -14.26 2.86 20.14
N GLN A 290 -13.93 1.62 20.47
CA GLN A 290 -13.05 1.35 21.60
C GLN A 290 -11.64 1.85 21.33
N LEU A 291 -11.22 1.77 20.06
CA LEU A 291 -9.91 2.28 19.67
C LEU A 291 -9.86 3.81 19.79
N GLN A 292 -10.95 4.47 19.42
CA GLN A 292 -11.02 5.93 19.47
C GLN A 292 -10.98 6.44 20.91
N GLU A 293 -11.54 5.66 21.82
CA GLU A 293 -11.53 6.03 23.24
C GLU A 293 -10.15 5.79 23.84
N ILE A 294 -9.45 4.78 23.33
CA ILE A 294 -8.09 4.50 23.75
C ILE A 294 -7.17 5.61 23.26
N ALA A 295 -7.41 6.06 22.03
CA ALA A 295 -6.63 7.14 21.43
C ALA A 295 -6.91 8.46 22.12
N ALA A 296 -8.15 8.66 22.54
CA ALA A 296 -8.55 9.90 23.21
C ALA A 296 -7.96 9.95 24.62
N ALA A 297 -7.87 8.79 25.26
CA ALA A 297 -7.37 8.71 26.63
C ALA A 297 -5.86 8.59 26.66
N ARG A 298 -5.23 8.66 25.49
CA ARG A 298 -3.78 8.56 25.41
C ARG A 298 -3.22 9.77 24.67
N ASN A 299 -4.10 10.72 24.35
CA ASN A 299 -3.73 11.96 23.67
C ASN A 299 -2.98 11.70 22.36
N VAL A 300 -3.55 10.81 21.54
CA VAL A 300 -2.95 10.43 20.28
C VAL A 300 -3.98 10.47 19.15
N ASN A 301 -3.61 11.08 18.03
CA ASN A 301 -4.45 11.07 16.85
C ASN A 301 -4.14 9.83 16.01
N PRO A 302 -5.05 8.84 16.03
CA PRO A 302 -4.83 7.52 15.44
C PRO A 302 -4.72 7.54 13.92
N LYS A 303 -5.17 8.61 13.27
CA LYS A 303 -5.12 8.72 11.82
C LYS A 303 -3.83 9.38 11.33
N SER A 304 -3.02 9.87 12.26
CA SER A 304 -1.78 10.56 11.91
C SER A 304 -0.75 9.60 11.33
N PRO A 305 0.09 10.08 10.40
CA PRO A 305 1.17 9.29 9.80
C PRO A 305 2.08 8.67 10.86
N ILE A 306 2.52 7.45 10.62
CA ILE A 306 3.38 6.73 11.55
C ILE A 306 4.84 6.99 11.23
N THR A 307 5.39 8.07 11.80
CA THR A 307 6.74 8.52 11.48
C THR A 307 7.82 7.53 11.90
N GLU A 308 7.51 6.71 12.91
CA GLU A 308 8.47 5.74 13.44
C GLU A 308 8.88 4.72 12.38
N LEU A 309 7.96 4.41 11.47
CA LEU A 309 8.21 3.40 10.44
C LEU A 309 8.93 3.98 9.23
N LEU A 310 8.77 5.28 9.00
CA LEU A 310 9.38 5.95 7.86
C LEU A 310 10.91 6.01 7.97
N GLY B 7 24.56 -0.37 -0.49
CA GLY B 7 25.09 0.75 -1.24
C GLY B 7 25.12 2.03 -0.41
N GLN B 8 25.88 3.01 -0.89
CA GLN B 8 25.92 4.33 -0.26
C GLN B 8 25.44 5.36 -1.26
N VAL B 9 24.41 6.12 -0.89
CA VAL B 9 23.89 7.16 -1.77
C VAL B 9 24.30 8.54 -1.26
N GLN B 10 25.04 9.26 -2.09
CA GLN B 10 25.55 10.57 -1.71
C GLN B 10 25.04 11.63 -2.68
N LEU B 11 24.03 12.37 -2.26
CA LEU B 11 23.48 13.46 -3.05
C LEU B 11 23.78 14.78 -2.36
N GLN B 12 24.16 15.79 -3.14
CA GLN B 12 24.53 17.10 -2.60
C GLN B 12 23.99 18.23 -3.47
N GLU B 13 23.03 18.98 -2.93
CA GLU B 13 22.42 20.09 -3.66
C GLU B 13 23.09 21.41 -3.33
N SER B 14 23.00 22.36 -4.25
CA SER B 14 23.53 23.70 -4.06
C SER B 14 23.03 24.66 -5.14
N GLY B 15 23.18 25.95 -4.90
CA GLY B 15 22.78 26.95 -5.87
C GLY B 15 21.65 27.85 -5.39
N GLY B 16 21.06 27.50 -4.25
CA GLY B 16 19.97 28.29 -3.71
C GLY B 16 20.44 29.58 -3.06
N GLY B 17 19.49 30.32 -2.48
CA GLY B 17 19.82 31.57 -1.80
C GLY B 17 18.67 32.56 -1.82
N LEU B 18 18.99 33.82 -1.55
CA LEU B 18 17.98 34.87 -1.54
C LEU B 18 17.75 35.40 -2.96
N VAL B 19 16.55 35.20 -3.47
CA VAL B 19 16.21 35.60 -4.83
C VAL B 19 14.92 36.41 -4.81
N GLN B 20 14.75 37.30 -5.78
CA GLN B 20 13.59 38.19 -5.83
C GLN B 20 12.49 37.64 -6.71
N PRO B 21 11.23 38.03 -6.42
CA PRO B 21 10.07 37.64 -7.22
C PRO B 21 10.21 38.00 -8.70
N GLY B 22 9.97 37.04 -9.58
CA GLY B 22 10.13 37.27 -11.01
C GLY B 22 11.56 37.03 -11.46
N GLY B 23 12.44 36.76 -10.50
CA GLY B 23 13.84 36.52 -10.80
C GLY B 23 14.12 35.08 -11.17
N SER B 24 15.40 34.75 -11.33
CA SER B 24 15.80 33.41 -11.75
C SER B 24 16.85 32.82 -10.80
N LEU B 25 17.05 31.52 -10.90
CA LEU B 25 18.05 30.82 -10.10
C LEU B 25 18.39 29.47 -10.74
N ARG B 26 19.55 28.92 -10.38
CA ARG B 26 20.02 27.68 -11.01
C ARG B 26 20.57 26.72 -9.97
N LEU B 27 19.86 25.62 -9.75
CA LEU B 27 20.26 24.62 -8.78
C LEU B 27 21.08 23.51 -9.43
N SER B 28 21.90 22.84 -8.62
CA SER B 28 22.73 21.75 -9.13
C SER B 28 22.82 20.64 -8.08
N CYS B 29 23.20 19.45 -8.52
CA CYS B 29 23.32 18.32 -7.61
C CYS B 29 24.29 17.27 -8.13
N SER B 30 25.22 16.85 -7.28
CA SER B 30 26.18 15.82 -7.64
C SER B 30 25.80 14.48 -7.03
N ALA B 31 26.09 13.40 -7.76
CA ALA B 31 25.71 12.07 -7.32
C ALA B 31 26.93 11.14 -7.24
N SER B 32 26.82 10.11 -6.39
CA SER B 32 27.85 9.10 -6.26
C SER B 32 27.35 7.90 -5.46
N GLY B 33 28.00 6.75 -5.64
CA GLY B 33 27.67 5.55 -4.90
C GLY B 33 26.60 4.70 -5.56
N PHE B 34 26.08 5.16 -6.68
CA PHE B 34 25.12 4.41 -7.47
C PHE B 34 25.28 4.75 -8.94
N LYS B 35 24.51 4.11 -9.80
CA LYS B 35 24.60 4.37 -11.23
C LYS B 35 23.62 5.47 -11.64
N PHE B 36 24.16 6.67 -11.84
CA PHE B 36 23.36 7.84 -12.18
C PHE B 36 22.71 7.71 -13.55
N ASN B 37 23.31 6.88 -14.40
CA ASN B 37 22.82 6.69 -15.76
C ASN B 37 21.59 5.78 -15.81
N ASP B 38 21.40 4.99 -14.75
CA ASP B 38 20.21 4.15 -14.61
C ASP B 38 19.27 4.64 -13.52
N SER B 39 18.99 5.94 -13.51
CA SER B 39 18.09 6.48 -12.49
C SER B 39 17.27 7.66 -13.01
N TYR B 40 15.95 7.52 -12.93
CA TYR B 40 15.06 8.65 -13.13
C TYR B 40 15.33 9.64 -12.00
N MET B 41 15.70 10.86 -12.36
CA MET B 41 16.05 11.85 -11.35
C MET B 41 14.98 12.91 -11.20
N SER B 42 14.76 13.33 -9.96
CA SER B 42 13.70 14.28 -9.65
C SER B 42 14.18 15.38 -8.72
N TRP B 43 13.57 16.55 -8.85
CA TRP B 43 13.75 17.62 -7.86
C TRP B 43 12.48 17.70 -7.03
N VAL B 44 12.64 17.70 -5.71
CA VAL B 44 11.52 17.85 -4.79
C VAL B 44 11.77 19.01 -3.84
N ARG B 45 10.69 19.61 -3.33
CA ARG B 45 10.83 20.74 -2.43
C ARG B 45 10.00 20.57 -1.15
N ARG B 46 10.50 21.13 -0.06
CA ARG B 46 9.79 21.09 1.21
C ARG B 46 9.28 22.48 1.59
N VAL B 47 8.04 22.77 1.19
CA VAL B 47 7.43 24.06 1.47
C VAL B 47 6.89 24.12 2.90
N PRO B 48 7.27 25.18 3.64
CA PRO B 48 6.83 25.37 5.03
C PRO B 48 5.32 25.41 5.17
N GLY B 49 4.78 24.58 6.07
CA GLY B 49 3.35 24.52 6.29
C GLY B 49 2.62 23.61 5.32
N LYS B 50 3.38 22.96 4.44
CA LYS B 50 2.79 22.09 3.42
C LYS B 50 3.40 20.70 3.45
N GLY B 51 4.72 20.66 3.61
CA GLY B 51 5.45 19.40 3.60
C GLY B 51 6.16 19.19 2.28
N LEU B 52 6.39 17.93 1.93
CA LEU B 52 7.15 17.61 0.73
C LEU B 52 6.25 17.43 -0.49
N GLU B 53 6.76 17.85 -1.65
CA GLU B 53 6.02 17.71 -2.89
C GLU B 53 6.97 17.60 -4.07
N TRP B 54 6.55 16.88 -5.10
CA TRP B 54 7.36 16.67 -6.30
C TRP B 54 7.25 17.86 -7.23
N VAL B 55 8.38 18.26 -7.81
CA VAL B 55 8.43 19.46 -8.65
C VAL B 55 8.70 19.13 -10.12
N ALA B 56 9.78 18.40 -10.35
CA ALA B 56 10.22 18.12 -11.72
C ALA B 56 11.01 16.81 -11.81
N GLY B 57 11.01 16.20 -12.99
CA GLY B 57 11.67 14.92 -13.18
C GLY B 57 12.15 14.71 -14.61
N ILE B 58 13.21 13.91 -14.75
CA ILE B 58 13.79 13.65 -16.06
C ILE B 58 14.15 12.18 -16.24
N TRP B 59 13.97 11.67 -17.45
CA TRP B 59 14.25 10.27 -17.75
C TRP B 59 15.75 10.00 -17.71
N GLU B 60 16.13 8.73 -17.62
CA GLU B 60 17.53 8.34 -17.54
C GLU B 60 18.32 8.69 -18.80
N ASP B 61 17.62 8.88 -19.91
CA ASP B 61 18.27 9.20 -21.17
C ASP B 61 17.78 10.53 -21.72
N SER B 62 17.15 11.32 -20.84
CA SER B 62 16.65 12.65 -21.17
C SER B 62 15.62 12.66 -22.30
N SER B 63 15.02 11.50 -22.58
CA SER B 63 14.02 11.39 -23.63
C SER B 63 12.73 12.11 -23.23
N ALA B 64 12.50 12.22 -21.92
CA ALA B 64 11.29 12.85 -21.41
C ALA B 64 11.58 13.69 -20.17
N ALA B 65 10.95 14.87 -20.12
CA ALA B 65 11.07 15.75 -18.96
C ALA B 65 9.69 16.02 -18.39
N HIS B 66 9.57 15.92 -17.07
CA HIS B 66 8.29 16.09 -16.40
C HIS B 66 8.35 17.18 -15.34
N TYR B 67 7.25 17.92 -15.19
CA TYR B 67 7.14 18.96 -14.17
C TYR B 67 5.77 18.92 -13.51
N ARG B 68 5.61 19.59 -12.38
CA ARG B 68 4.30 19.74 -11.78
C ARG B 68 3.60 20.92 -12.43
N ASP B 69 2.26 20.92 -12.39
CA ASP B 69 1.47 21.93 -13.10
C ASP B 69 1.82 23.37 -12.72
N SER B 70 2.20 23.59 -11.47
CA SER B 70 2.46 24.95 -10.99
C SER B 70 3.81 25.49 -11.44
N VAL B 71 4.60 24.67 -12.14
CA VAL B 71 5.93 25.11 -12.57
C VAL B 71 6.20 24.88 -14.06
N LYS B 72 5.21 24.35 -14.78
CA LYS B 72 5.40 24.11 -16.21
C LYS B 72 5.48 25.43 -16.99
N GLY B 73 6.49 25.52 -17.86
CA GLY B 73 6.71 26.72 -18.65
C GLY B 73 7.70 27.65 -17.99
N ARG B 74 7.80 27.57 -16.67
CA ARG B 74 8.71 28.42 -15.91
C ARG B 74 10.00 27.69 -15.55
N PHE B 75 9.90 26.39 -15.29
CA PHE B 75 11.06 25.60 -14.87
C PHE B 75 11.61 24.75 -16.01
N THR B 76 12.87 24.33 -15.86
CA THR B 76 13.54 23.48 -16.83
C THR B 76 14.55 22.58 -16.14
N ILE B 77 14.39 21.27 -16.30
CA ILE B 77 15.31 20.32 -15.69
C ILE B 77 16.25 19.76 -16.75
N SER B 78 17.45 19.39 -16.34
CA SER B 78 18.42 18.79 -17.26
C SER B 78 19.41 17.91 -16.48
N ARG B 79 20.31 17.25 -17.20
CA ARG B 79 21.27 16.36 -16.56
C ARG B 79 22.49 16.11 -17.44
N ASP B 80 23.59 15.67 -16.81
CA ASP B 80 24.80 15.31 -17.53
C ASP B 80 25.37 14.03 -16.92
N ASN B 81 25.10 12.90 -17.55
CA ASN B 81 25.46 11.59 -17.02
C ASN B 81 26.98 11.38 -16.91
N ALA B 82 27.73 12.14 -17.71
CA ALA B 82 29.18 12.02 -17.71
C ALA B 82 29.79 12.51 -16.41
N LYS B 83 29.15 13.50 -15.80
CA LYS B 83 29.67 14.10 -14.57
C LYS B 83 28.77 13.79 -13.37
N ASN B 84 27.74 12.98 -13.58
CA ASN B 84 26.76 12.66 -12.54
C ASN B 84 26.18 13.92 -11.91
N MET B 85 25.68 14.81 -12.76
CA MET B 85 25.15 16.09 -12.32
C MET B 85 23.70 16.28 -12.73
N LEU B 86 22.91 16.83 -11.81
CA LEU B 86 21.52 17.16 -12.09
C LEU B 86 21.35 18.67 -11.96
N TYR B 87 20.54 19.26 -12.83
CA TYR B 87 20.37 20.71 -12.82
C TYR B 87 18.91 21.12 -12.88
N LEU B 88 18.60 22.23 -12.23
CA LEU B 88 17.27 22.82 -12.29
C LEU B 88 17.37 24.31 -12.59
N GLN B 89 16.84 24.73 -13.74
CA GLN B 89 16.82 26.13 -14.11
C GLN B 89 15.45 26.73 -13.79
N MET B 90 15.43 27.64 -12.82
CA MET B 90 14.19 28.28 -12.39
C MET B 90 14.08 29.71 -12.93
N SER B 91 12.88 30.07 -13.39
CA SER B 91 12.62 31.41 -13.88
C SER B 91 11.22 31.87 -13.46
N SER B 92 11.00 33.17 -13.47
CA SER B 92 9.72 33.76 -13.05
C SER B 92 9.29 33.26 -11.68
N LEU B 93 10.24 33.24 -10.75
CA LEU B 93 10.01 32.69 -9.42
C LEU B 93 8.92 33.43 -8.64
N LYS B 94 7.94 32.66 -8.17
CA LYS B 94 6.86 33.22 -7.35
C LYS B 94 7.14 32.95 -5.87
N SER B 95 6.39 33.61 -5.00
CA SER B 95 6.56 33.43 -3.57
C SER B 95 6.25 32.00 -3.15
N ASP B 96 5.44 31.32 -3.96
CA ASP B 96 5.04 29.94 -3.69
C ASP B 96 6.18 28.96 -3.94
N ASP B 97 7.20 29.40 -4.67
CA ASP B 97 8.33 28.53 -5.00
C ASP B 97 9.36 28.48 -3.88
N THR B 98 9.09 29.22 -2.81
CA THR B 98 9.97 29.22 -1.65
C THR B 98 9.95 27.86 -0.95
N GLY B 99 11.12 27.32 -0.66
CA GLY B 99 11.21 26.04 0.02
C GLY B 99 12.61 25.48 0.14
N LEU B 100 12.71 24.24 0.61
CA LEU B 100 13.99 23.55 0.71
C LEU B 100 14.06 22.45 -0.37
N TYR B 101 14.92 22.64 -1.35
CA TYR B 101 14.95 21.78 -2.54
C TYR B 101 15.97 20.65 -2.46
N TYR B 102 15.51 19.45 -2.77
CA TYR B 102 16.37 18.27 -2.80
C TYR B 102 16.32 17.60 -4.18
N CYS B 103 17.30 16.75 -4.46
CA CYS B 103 17.23 15.90 -5.64
C CYS B 103 17.21 14.44 -5.19
N VAL B 104 16.28 13.66 -5.76
CA VAL B 104 16.13 12.27 -5.37
C VAL B 104 16.05 11.35 -6.58
N ARG B 105 16.22 10.05 -6.34
CA ARG B 105 16.06 9.05 -7.37
C ARG B 105 14.58 8.73 -7.54
N ARG B 106 14.22 8.20 -8.71
CA ARG B 106 12.85 7.82 -9.04
C ARG B 106 11.89 9.02 -9.04
N GLY B 107 10.62 8.74 -9.33
CA GLY B 107 9.64 9.81 -9.51
C GLY B 107 8.68 10.00 -8.36
N TYR B 108 7.38 9.90 -8.64
CA TYR B 108 6.36 10.18 -7.64
C TYR B 108 5.13 9.28 -7.81
N SER B 109 4.17 9.45 -6.92
CA SER B 109 2.89 8.74 -7.01
C SER B 109 1.75 9.66 -6.60
N GLY B 110 0.54 9.33 -7.06
CA GLY B 110 -0.66 10.07 -6.71
C GLY B 110 -0.58 11.56 -7.01
N ASP B 111 -0.80 12.37 -5.96
CA ASP B 111 -0.80 13.81 -6.11
C ASP B 111 0.58 14.41 -5.80
N TYR B 112 1.54 14.16 -6.71
CA TYR B 112 2.88 14.73 -6.62
C TYR B 112 3.61 14.35 -5.32
N ARG B 113 3.31 13.16 -4.80
CA ARG B 113 3.99 12.68 -3.60
C ARG B 113 5.17 11.79 -3.96
N PRO B 114 6.39 12.28 -3.69
CA PRO B 114 7.65 11.61 -4.07
C PRO B 114 7.75 10.17 -3.57
N ILE B 115 8.50 9.36 -4.31
CA ILE B 115 8.77 7.97 -3.91
C ILE B 115 9.88 7.96 -2.89
N ASN B 116 10.94 8.70 -3.17
CA ASN B 116 12.08 8.75 -2.26
C ASN B 116 12.19 10.03 -1.46
N ASN B 117 12.21 9.84 -0.15
CA ASN B 117 12.18 10.87 0.87
C ASN B 117 13.59 11.24 1.32
N PRO B 118 13.99 12.48 0.98
CA PRO B 118 15.34 13.01 0.89
C PRO B 118 16.30 12.57 1.98
N SER B 119 17.54 12.35 1.58
CA SER B 119 18.58 11.97 2.53
C SER B 119 19.59 13.10 2.73
N SER B 120 19.73 13.94 1.70
CA SER B 120 20.65 15.06 1.73
C SER B 120 20.10 16.22 2.57
N GLN B 121 20.89 17.28 2.67
CA GLN B 121 20.50 18.45 3.47
C GLN B 121 19.65 19.43 2.65
N GLY B 122 19.84 19.41 1.33
CA GLY B 122 19.08 20.27 0.45
C GLY B 122 19.59 21.70 0.44
N THR B 123 19.13 22.47 -0.54
CA THR B 123 19.53 23.87 -0.65
C THR B 123 18.30 24.76 -0.51
N GLN B 124 18.47 25.85 0.24
CA GLN B 124 17.36 26.75 0.55
C GLN B 124 17.09 27.73 -0.59
N VAL B 125 15.83 27.86 -0.95
CA VAL B 125 15.41 28.83 -1.95
C VAL B 125 14.38 29.78 -1.34
N THR B 126 14.75 31.05 -1.21
CA THR B 126 13.86 32.05 -0.62
C THR B 126 13.52 33.14 -1.62
N VAL B 127 12.26 33.18 -2.03
CA VAL B 127 11.80 34.19 -2.98
C VAL B 127 11.28 35.43 -2.24
N SER B 128 12.19 36.34 -1.92
CA SER B 128 11.86 37.51 -1.11
C SER B 128 12.12 38.82 -1.83
N SER B 129 11.34 39.84 -1.48
CA SER B 129 11.50 41.17 -2.06
C SER B 129 12.43 42.03 -1.21
N ALA B 130 13.54 41.43 -0.75
CA ALA B 130 14.50 42.09 0.13
C ALA B 130 13.83 42.64 1.38
CAO IRE C . 7.65 -10.04 -0.40
CAL IRE C . 9.02 -10.24 0.21
OAU IRE C . 9.95 -10.57 -0.81
CAM IRE C . 9.97 -9.62 -1.87
CAP IRE C . 8.56 -9.36 -2.41
NBE IRE C . 7.77 -8.86 -1.27
CAN IRE C . 6.39 -8.62 -1.77
CAJ IRE C . 6.06 -7.17 -1.35
CAK IRE C . 5.77 -6.31 -2.61
OAV IRE C . 6.25 -4.95 -2.53
CBA IRE C . 5.40 -3.90 -2.87
CAZ IRE C . 5.80 -2.50 -2.89
CAH IRE C . 4.88 -1.52 -3.24
OAT IRE C . 7.11 -2.20 -2.53
CAA IRE C . 7.80 -1.18 -3.28
CAI IRE C . 4.08 -4.16 -3.24
C5 IRE C . 3.09 -3.17 -3.62
C4 IRE C . 3.51 -1.82 -3.62
N3 IRE C . 2.62 -0.79 -3.97
C2 IRE C . 1.37 -1.14 -4.31
N1 IRE C . 0.85 -2.43 -4.34
C6 IRE C . 1.69 -3.46 -4.00
NAS IRE C . 1.15 -4.78 -4.03
CAY IRE C . -0.03 -5.25 -4.74
CAG IRE C . -0.42 -4.75 -6.00
CAX IRE C . -1.53 -5.19 -6.68
CL IRE C . -1.94 -4.51 -8.23
CAW IRE C . -2.37 -6.18 -6.14
FAB IRE C . -3.42 -6.61 -6.74
CAD IRE C . -2.01 -6.68 -4.89
CAE IRE C . -0.88 -6.24 -4.21
CAO IRE D . -10.00 -16.84 -6.72
CAL IRE D . -9.04 -17.14 -7.87
OAU IRE D . -7.72 -16.74 -7.49
CAM IRE D . -7.69 -15.44 -6.99
CAP IRE D . -8.51 -15.35 -5.70
NBE IRE D . -9.17 -16.68 -5.52
CAN IRE D . -10.15 -16.53 -4.38
CAJ IRE D . -11.01 -17.82 -4.36
CAK IRE D . -11.64 -18.01 -2.94
OAV IRE D . -10.68 -17.95 -1.87
CBA IRE D . -11.10 -17.96 -0.53
CAZ IRE D . -10.30 -17.47 0.58
CAH IRE D . -10.81 -17.53 1.87
OAT IRE D . -9.02 -16.98 0.30
CAA IRE D . -8.16 -16.63 1.40
CAI IRE D . -12.38 -18.45 -0.20
C5 IRE D . -12.93 -18.51 1.12
C4 IRE D . -12.12 -18.04 2.19
N3 IRE D . -12.58 -18.06 3.52
C2 IRE D . -13.82 -18.55 3.73
N1 IRE D . -14.70 -19.04 2.77
C6 IRE D . -14.29 -19.04 1.47
NAS IRE D . -15.20 -19.54 0.47
CAY IRE D . -16.53 -20.18 0.59
CAG IRE D . -17.17 -20.46 1.81
CAX IRE D . -18.42 -21.07 1.92
CL IRE D . -19.16 -21.38 3.46
CAW IRE D . -19.14 -21.44 0.76
FAB IRE D . -20.29 -21.99 0.80
CAD IRE D . -18.51 -21.17 -0.46
CAE IRE D . -17.26 -20.56 -0.54
#